data_4GR2
#
_entry.id   4GR2
#
_cell.length_a   45.270
_cell.length_b   47.640
_cell.length_c   140.910
_cell.angle_alpha   90.00
_cell.angle_beta   90.00
_cell.angle_gamma   90.00
#
_symmetry.space_group_name_H-M   'P 2 2 21'
#
loop_
_entity.id
_entity.type
_entity.pdbx_description
1 polymer AtRbcX1
2 water water
#
_entity_poly.entity_id   1
_entity_poly.type   'polypeptide(L)'
_entity_poly.pdbx_seq_one_letter_code
;MYVPGFGEASPEAKAAKHLHDFFTYVAVRIVSAQLESYNPEAYMELREFLDTNSVSDGDKFLATLMRRSSRHMNLALRIL
EVRSAYAKNDFEWDNMKRLAFKNVDDSNTRLMREYVLETSHVETDSDK
;
_entity_poly.pdbx_strand_id   A,B
#
# COMPACT_ATOMS: atom_id res chain seq x y z
N GLU A 8 -2.51 -16.47 7.51
CA GLU A 8 -1.74 -16.36 8.74
C GLU A 8 -0.75 -15.20 8.67
N ALA A 9 -0.84 -14.39 7.61
CA ALA A 9 0.06 -13.24 7.42
C ALA A 9 -0.38 -12.05 8.26
N SER A 10 0.52 -11.49 9.05
CA SER A 10 0.22 -10.37 9.93
C SER A 10 -0.14 -9.11 9.17
N PRO A 11 -0.88 -8.18 9.82
CA PRO A 11 -1.13 -6.89 9.18
C PRO A 11 0.17 -6.19 8.77
N GLU A 12 1.17 -6.15 9.68
CA GLU A 12 2.46 -5.54 9.40
C GLU A 12 3.09 -6.15 8.14
N ALA A 13 3.03 -7.47 8.02
CA ALA A 13 3.59 -8.19 6.89
C ALA A 13 2.81 -7.93 5.60
N LYS A 14 1.49 -7.83 5.70
CA LYS A 14 0.69 -7.49 4.54
C LYS A 14 0.99 -6.09 4.07
N ALA A 15 1.15 -5.18 5.03
CA ALA A 15 1.45 -3.79 4.74
C ALA A 15 2.83 -3.66 4.07
N ALA A 16 3.81 -4.41 4.58
CA ALA A 16 5.15 -4.48 4.01
C ALA A 16 5.21 -5.01 2.58
N LYS A 17 4.41 -6.03 2.26
CA LYS A 17 4.36 -6.53 0.87
C LYS A 17 3.84 -5.45 -0.07
N HIS A 18 2.79 -4.75 0.36
CA HIS A 18 2.24 -3.63 -0.41
CA HIS A 18 2.26 -3.66 -0.45
C HIS A 18 3.24 -2.50 -0.60
N LEU A 19 4.04 -2.24 0.43
CA LEU A 19 5.00 -1.16 0.34
C LEU A 19 6.16 -1.51 -0.60
N HIS A 20 6.55 -2.78 -0.61
CA HIS A 20 7.57 -3.30 -1.53
C HIS A 20 7.12 -3.03 -2.97
N ASP A 21 5.88 -3.37 -3.31
CA ASP A 21 5.43 -3.15 -4.67
C ASP A 21 5.23 -1.68 -4.98
N PHE A 22 4.82 -0.94 -3.97
CA PHE A 22 4.67 0.50 -4.05
C PHE A 22 6.03 1.16 -4.36
N PHE A 23 7.09 0.69 -3.69
CA PHE A 23 8.41 1.23 -3.93
C PHE A 23 8.91 0.89 -5.36
N THR A 24 8.50 -0.24 -5.90
CA THR A 24 8.82 -0.56 -7.30
C THR A 24 8.16 0.48 -8.21
N TYR A 25 6.89 0.75 -7.92
CA TYR A 25 6.16 1.79 -8.63
C TYR A 25 6.86 3.16 -8.53
N VAL A 26 7.20 3.58 -7.32
CA VAL A 26 7.87 4.85 -7.14
C VAL A 26 9.20 4.89 -7.92
N ALA A 27 9.98 3.82 -7.81
CA ALA A 27 11.28 3.78 -8.47
C ALA A 27 11.11 3.91 -9.98
N VAL A 28 10.09 3.29 -10.55
CA VAL A 28 9.89 3.38 -12.00
C VAL A 28 9.54 4.83 -12.39
N ARG A 29 8.77 5.48 -11.52
CA ARG A 29 8.38 6.87 -11.74
C ARG A 29 9.58 7.79 -11.64
N ILE A 30 10.41 7.59 -10.60
CA ILE A 30 11.64 8.38 -10.46
C ILE A 30 12.58 8.17 -11.65
N VAL A 31 12.82 6.91 -11.99
CA VAL A 31 13.72 6.58 -13.09
C VAL A 31 13.21 7.15 -14.40
N SER A 32 11.91 7.05 -14.63
CA SER A 32 11.31 7.58 -15.86
C SER A 32 11.55 9.09 -15.99
N ALA A 33 11.24 9.81 -14.91
CA ALA A 33 11.49 11.25 -14.82
C ALA A 33 12.96 11.63 -15.07
N GLN A 34 13.89 10.91 -14.45
CA GLN A 34 15.30 11.22 -14.66
C GLN A 34 15.73 10.96 -16.10
N LEU A 35 15.24 9.87 -16.68
CA LEU A 35 15.56 9.56 -18.06
C LEU A 35 15.01 10.62 -19.02
N GLU A 36 13.85 11.18 -18.69
CA GLU A 36 13.27 12.23 -19.54
C GLU A 36 14.26 13.42 -19.68
N SER A 37 14.86 13.82 -18.56
CA SER A 37 15.88 14.88 -18.55
C SER A 37 17.27 14.41 -19.04
N TYR A 38 17.69 13.20 -18.68
CA TYR A 38 19.08 12.79 -18.91
C TYR A 38 19.34 11.77 -20.02
N ASN A 39 18.29 11.12 -20.51
CA ASN A 39 18.46 10.11 -21.57
C ASN A 39 17.15 9.90 -22.33
N PRO A 40 16.86 10.81 -23.26
CA PRO A 40 15.66 10.76 -24.12
C PRO A 40 15.38 9.41 -24.78
N GLU A 41 16.37 8.79 -25.42
CA GLU A 41 16.15 7.48 -26.05
C GLU A 41 15.76 6.40 -25.03
N ALA A 42 16.43 6.36 -23.87
CA ALA A 42 16.14 5.36 -22.85
C ALA A 42 14.77 5.61 -22.24
N TYR A 43 14.44 6.88 -22.06
CA TYR A 43 13.11 7.26 -21.66
C TYR A 43 12.01 6.64 -22.55
N MET A 44 12.23 6.70 -23.86
CA MET A 44 11.32 6.17 -24.86
C MET A 44 11.23 4.65 -24.83
N GLU A 45 12.36 3.97 -24.63
CA GLU A 45 12.31 2.51 -24.47
C GLU A 45 11.55 2.07 -23.22
N LEU A 46 11.76 2.76 -22.10
CA LEU A 46 11.00 2.44 -20.87
C LEU A 46 9.50 2.64 -21.08
N ARG A 47 9.18 3.74 -21.75
CA ARG A 47 7.79 4.14 -21.98
C ARG A 47 7.07 3.12 -22.88
N GLU A 48 7.79 2.58 -23.86
CA GLU A 48 7.21 1.59 -24.75
C GLU A 48 7.02 0.31 -23.99
N PHE A 49 8.00 -0.04 -23.16
CA PHE A 49 7.90 -1.24 -22.37
C PHE A 49 6.69 -1.10 -21.45
N LEU A 50 6.52 0.09 -20.91
CA LEU A 50 5.41 0.41 -20.02
C LEU A 50 4.06 0.28 -20.75
N ASP A 51 4.07 0.40 -22.07
CA ASP A 51 2.82 0.28 -22.83
C ASP A 51 2.27 -1.16 -22.89
N THR A 52 3.13 -2.14 -22.65
CA THR A 52 2.73 -3.55 -22.76
C THR A 52 2.99 -4.40 -21.54
N ASN A 53 3.42 -3.74 -20.45
CA ASN A 53 3.80 -4.42 -19.22
C ASN A 53 3.39 -3.55 -18.05
N SER A 54 2.70 -4.14 -17.10
CA SER A 54 2.17 -3.40 -15.95
C SER A 54 3.14 -3.42 -14.79
N VAL A 55 3.43 -2.23 -14.27
CA VAL A 55 4.24 -2.10 -13.07
C VAL A 55 3.58 -2.70 -11.84
N SER A 56 2.25 -2.68 -11.83
CA SER A 56 1.46 -3.37 -10.80
C SER A 56 1.85 -4.85 -10.69
N ASP A 57 2.45 -5.43 -11.75
CA ASP A 57 3.01 -6.77 -11.64
C ASP A 57 4.25 -6.87 -10.75
N GLY A 58 4.78 -5.74 -10.30
CA GLY A 58 5.84 -5.78 -9.31
C GLY A 58 7.09 -6.49 -9.78
N ASP A 59 7.50 -7.52 -9.04
CA ASP A 59 8.77 -8.18 -9.36
C ASP A 59 8.69 -8.97 -10.64
N LYS A 60 7.49 -9.43 -11.03
CA LYS A 60 7.32 -10.08 -12.35
C LYS A 60 7.69 -9.10 -13.47
N PHE A 61 7.27 -7.86 -13.32
CA PHE A 61 7.58 -6.81 -14.28
C PHE A 61 9.09 -6.62 -14.38
N LEU A 62 9.76 -6.56 -13.25
CA LEU A 62 11.19 -6.37 -13.25
C LEU A 62 11.91 -7.54 -13.92
N ALA A 63 11.46 -8.76 -13.62
CA ALA A 63 12.09 -9.95 -14.18
C ALA A 63 11.94 -9.99 -15.71
N THR A 64 10.78 -9.62 -16.21
CA THR A 64 10.54 -9.51 -17.65
C THR A 64 11.42 -8.42 -18.28
N LEU A 65 11.48 -7.26 -17.63
CA LEU A 65 12.34 -6.16 -18.07
C LEU A 65 13.82 -6.60 -18.20
N MET A 66 14.34 -7.21 -17.13
CA MET A 66 15.72 -7.75 -17.15
C MET A 66 16.07 -8.61 -18.37
N ARG A 67 15.13 -9.47 -18.76
CA ARG A 67 15.38 -10.42 -19.85
C ARG A 67 15.08 -9.90 -21.25
N ARG A 68 14.54 -8.69 -21.39
CA ARG A 68 14.11 -8.23 -22.72
CA ARG A 68 14.12 -8.22 -22.71
C ARG A 68 15.30 -7.89 -23.64
N SER A 69 16.37 -7.39 -23.07
CA SER A 69 17.64 -7.10 -23.79
C SER A 69 18.64 -6.49 -22.83
N SER A 70 19.84 -6.22 -23.31
CA SER A 70 20.88 -5.65 -22.46
C SER A 70 20.57 -4.22 -22.09
N ARG A 71 19.89 -3.51 -22.99
CA ARG A 71 19.46 -2.13 -22.73
C ARG A 71 18.36 -2.12 -21.65
N HIS A 72 17.39 -3.03 -21.79
CA HIS A 72 16.34 -3.20 -20.78
C HIS A 72 16.91 -3.68 -19.43
N MET A 73 17.95 -4.51 -19.48
CA MET A 73 18.65 -4.92 -18.26
C MET A 73 19.23 -3.70 -17.54
N ASN A 74 19.79 -2.76 -18.29
CA ASN A 74 20.28 -1.54 -17.68
C ASN A 74 19.16 -0.75 -17.04
N LEU A 75 18.01 -0.72 -17.69
CA LEU A 75 16.87 -0.05 -17.06
C LEU A 75 16.48 -0.76 -15.76
N ALA A 76 16.41 -2.08 -15.82
CA ALA A 76 16.01 -2.85 -14.66
C ALA A 76 16.99 -2.65 -13.46
N LEU A 77 18.29 -2.65 -13.73
CA LEU A 77 19.31 -2.46 -12.68
C LEU A 77 19.23 -1.05 -12.05
N ARG A 78 18.93 -0.06 -12.88
CA ARG A 78 18.78 1.30 -12.36
C ARG A 78 17.52 1.36 -11.47
N ILE A 79 16.45 0.72 -11.91
CA ILE A 79 15.22 0.69 -11.13
C ILE A 79 15.44 0.00 -9.77
N LEU A 80 16.18 -1.11 -9.79
CA LEU A 80 16.43 -1.85 -8.55
C LEU A 80 17.25 -1.02 -7.58
N GLU A 81 18.25 -0.35 -8.12
CA GLU A 81 19.11 0.50 -7.31
C GLU A 81 18.34 1.67 -6.71
N VAL A 82 17.53 2.31 -7.54
CA VAL A 82 16.72 3.45 -7.09
C VAL A 82 15.69 3.00 -6.07
N ARG A 83 15.06 1.86 -6.32
CA ARG A 83 14.10 1.33 -5.35
C ARG A 83 14.66 1.20 -3.94
N SER A 84 15.83 0.58 -3.79
CA SER A 84 16.36 0.37 -2.43
C SER A 84 16.82 1.68 -1.80
N ALA A 85 17.45 2.54 -2.59
CA ALA A 85 18.01 3.78 -2.06
C ALA A 85 16.89 4.73 -1.66
N TYR A 86 15.84 4.77 -2.47
CA TYR A 86 14.68 5.59 -2.14
C TYR A 86 13.99 5.17 -0.83
N ALA A 87 13.70 3.87 -0.72
CA ALA A 87 13.04 3.37 0.48
C ALA A 87 13.92 3.56 1.74
N LYS A 88 15.23 3.45 1.56
CA LYS A 88 16.15 3.50 2.70
C LYS A 88 16.60 4.91 3.09
N ASN A 89 16.75 5.78 2.10
CA ASN A 89 17.32 7.12 2.35
C ASN A 89 16.34 8.27 2.29
N ASP A 90 15.37 8.18 1.38
CA ASP A 90 14.58 9.34 1.02
C ASP A 90 13.15 9.32 1.52
N PHE A 91 12.51 8.16 1.43
CA PHE A 91 11.11 8.04 1.85
C PHE A 91 10.98 8.44 3.32
N GLU A 92 10.07 9.35 3.60
CA GLU A 92 9.96 9.88 4.96
C GLU A 92 9.00 9.04 5.79
N TRP A 93 9.52 7.97 6.39
CA TRP A 93 8.68 6.97 7.10
C TRP A 93 7.90 7.55 8.27
N ASP A 94 8.51 8.48 9.00
CA ASP A 94 7.84 9.02 10.17
C ASP A 94 6.78 10.02 9.76
N ASN A 95 7.05 10.77 8.70
CA ASN A 95 6.03 11.61 8.11
C ASN A 95 4.81 10.84 7.59
N MET A 96 5.03 9.76 6.84
CA MET A 96 3.91 8.90 6.39
C MET A 96 3.05 8.48 7.58
N LYS A 97 3.71 8.11 8.67
CA LYS A 97 3.03 7.73 9.90
C LYS A 97 2.24 8.89 10.47
N ARG A 98 2.87 10.06 10.56
CA ARG A 98 2.13 11.23 11.05
C ARG A 98 0.94 11.51 10.12
N LEU A 99 1.11 11.25 8.83
CA LEU A 99 0.03 11.47 7.87
C LEU A 99 -1.06 10.42 8.02
N ALA A 100 -0.69 9.18 8.31
CA ALA A 100 -1.69 8.15 8.55
C ALA A 100 -2.54 8.52 9.75
N PHE A 101 -1.87 8.97 10.82
CA PHE A 101 -2.61 9.29 12.04
C PHE A 101 -3.61 10.41 11.75
N LYS A 102 -3.13 11.45 11.06
CA LYS A 102 -3.96 12.60 10.71
C LYS A 102 -5.15 12.25 9.81
N ASN A 103 -4.93 11.34 8.85
CA ASN A 103 -6.00 10.85 7.98
C ASN A 103 -7.10 10.21 8.81
N VAL A 104 -6.70 9.35 9.74
CA VAL A 104 -7.68 8.66 10.58
C VAL A 104 -8.42 9.65 11.51
N ASP A 105 -7.69 10.62 12.08
CA ASP A 105 -8.31 11.65 12.92
C ASP A 105 -9.29 12.51 12.13
N ASP A 106 -8.83 13.01 10.98
CA ASP A 106 -9.66 13.85 10.13
C ASP A 106 -10.88 13.08 9.61
N SER A 107 -10.68 11.80 9.30
CA SER A 107 -11.78 10.96 8.81
C SER A 107 -12.85 10.78 9.87
N ASN A 108 -12.43 10.51 11.10
CA ASN A 108 -13.37 10.35 12.21
C ASN A 108 -14.24 11.59 12.34
N THR A 109 -13.59 12.74 12.38
CA THR A 109 -14.25 14.03 12.55
C THR A 109 -15.25 14.32 11.44
N ARG A 110 -14.84 14.08 10.20
CA ARG A 110 -15.67 14.36 9.05
C ARG A 110 -16.85 13.39 8.96
N LEU A 111 -16.61 12.10 9.20
CA LEU A 111 -17.71 11.13 9.21
C LEU A 111 -18.77 11.53 10.23
N MET A 112 -18.32 12.03 11.39
CA MET A 112 -19.24 12.41 12.46
C MET A 112 -20.04 13.66 12.11
N ARG A 113 -19.31 14.73 11.77
CA ARG A 113 -19.92 15.99 11.39
C ARG A 113 -20.97 15.78 10.29
N GLU A 114 -20.59 15.07 9.23
CA GLU A 114 -21.50 14.91 8.08
C GLU A 114 -22.73 14.05 8.35
N TYR A 115 -22.62 13.07 9.24
CA TYR A 115 -23.79 12.26 9.60
C TYR A 115 -24.86 13.04 10.39
N VAL A 116 -24.46 13.90 11.32
CA VAL A 116 -25.43 14.66 12.13
C VAL A 116 -25.76 16.03 11.52
N LEU A 117 -25.00 16.44 10.51
CA LEU A 117 -25.30 17.69 9.82
C LEU A 117 -25.93 17.37 8.46
N VAL B 3 10.60 14.86 -5.10
CA VAL B 3 10.81 13.51 -5.63
C VAL B 3 10.48 13.45 -7.13
N PRO B 4 11.48 13.11 -7.95
CA PRO B 4 11.28 13.07 -9.41
C PRO B 4 10.06 12.25 -9.84
N GLY B 5 9.22 12.84 -10.68
CA GLY B 5 8.06 12.12 -11.20
C GLY B 5 6.80 12.24 -10.36
N PHE B 6 6.92 12.95 -9.23
CA PHE B 6 5.80 13.24 -8.32
C PHE B 6 5.59 14.75 -8.15
N GLY B 7 4.39 15.23 -8.49
CA GLY B 7 4.07 16.64 -8.37
C GLY B 7 2.66 16.89 -7.91
N GLU B 8 2.06 15.88 -7.28
CA GLU B 8 0.72 16.00 -6.71
C GLU B 8 0.76 15.58 -5.24
N ALA B 9 0.28 14.38 -4.97
CA ALA B 9 0.47 13.76 -3.66
C ALA B 9 1.88 13.22 -3.56
N SER B 10 2.50 13.37 -2.39
CA SER B 10 3.80 12.74 -2.13
C SER B 10 3.60 11.23 -2.07
N PRO B 11 4.70 10.46 -2.23
CA PRO B 11 4.59 9.01 -1.97
C PRO B 11 4.15 8.74 -0.53
N GLU B 12 4.60 9.58 0.42
CA GLU B 12 4.20 9.39 1.82
C GLU B 12 2.68 9.55 2.00
N ALA B 13 2.10 10.55 1.34
CA ALA B 13 0.67 10.80 1.50
C ALA B 13 -0.09 9.67 0.83
N LYS B 14 0.43 9.19 -0.30
CA LYS B 14 -0.20 8.06 -0.98
C LYS B 14 -0.19 6.83 -0.11
N ALA B 15 0.97 6.52 0.47
CA ALA B 15 1.10 5.38 1.36
C ALA B 15 0.19 5.56 2.58
N ALA B 16 0.15 6.80 3.07
CA ALA B 16 -0.68 7.17 4.23
C ALA B 16 -2.18 6.90 4.04
N LYS B 17 -2.69 7.23 2.85
CA LYS B 17 -4.09 6.97 2.49
C LYS B 17 -4.34 5.47 2.35
N HIS B 18 -3.39 4.74 1.77
CA HIS B 18 -3.50 3.29 1.69
CA HIS B 18 -3.50 3.27 1.70
C HIS B 18 -3.52 2.65 3.09
N LEU B 19 -2.68 3.13 4.00
CA LEU B 19 -2.70 2.62 5.37
C LEU B 19 -4.05 2.90 6.07
N HIS B 20 -4.53 4.14 5.95
CA HIS B 20 -5.84 4.55 6.47
C HIS B 20 -6.91 3.51 6.10
N ASP B 21 -7.04 3.23 4.79
CA ASP B 21 -8.00 2.26 4.31
C ASP B 21 -7.70 0.87 4.81
N PHE B 22 -6.41 0.52 4.82
CA PHE B 22 -5.99 -0.77 5.40
C PHE B 22 -6.43 -0.88 6.89
N PHE B 23 -6.26 0.19 7.66
CA PHE B 23 -6.67 0.18 9.07
C PHE B 23 -8.17 0.03 9.26
N THR B 24 -8.95 0.66 8.38
CA THR B 24 -10.41 0.43 8.38
C THR B 24 -10.74 -1.02 8.20
N TYR B 25 -10.02 -1.68 7.30
CA TYR B 25 -10.24 -3.10 7.02
C TYR B 25 -9.82 -4.01 8.18
N VAL B 26 -8.66 -3.74 8.78
CA VAL B 26 -8.25 -4.43 10.00
C VAL B 26 -9.34 -4.26 11.09
N ALA B 27 -9.79 -3.03 11.27
CA ALA B 27 -10.78 -2.74 12.33
C ALA B 27 -12.08 -3.51 12.15
N VAL B 28 -12.50 -3.67 10.89
CA VAL B 28 -13.69 -4.42 10.58
C VAL B 28 -13.47 -5.89 10.88
N ARG B 29 -12.25 -6.37 10.67
CA ARG B 29 -11.99 -7.77 10.93
C ARG B 29 -11.91 -7.99 12.46
N ILE B 30 -11.32 -7.01 13.14
CA ILE B 30 -11.25 -7.01 14.60
C ILE B 30 -12.67 -7.01 15.21
N VAL B 31 -13.43 -5.94 14.97
CA VAL B 31 -14.79 -5.82 15.48
C VAL B 31 -15.67 -7.03 15.10
N SER B 32 -15.43 -7.61 13.93
CA SER B 32 -16.20 -8.78 13.52
C SER B 32 -15.92 -9.96 14.44
N ALA B 33 -14.64 -10.14 14.76
CA ALA B 33 -14.21 -11.24 15.63
C ALA B 33 -14.87 -11.12 17.01
N GLN B 34 -14.79 -9.93 17.59
CA GLN B 34 -15.35 -9.64 18.92
C GLN B 34 -16.83 -9.93 19.00
N LEU B 35 -17.51 -9.79 17.86
CA LEU B 35 -18.95 -9.98 17.79
C LEU B 35 -19.35 -11.46 17.79
N GLU B 36 -18.48 -12.33 17.28
CA GLU B 36 -18.89 -13.70 16.98
C GLU B 36 -19.37 -14.54 18.18
N SER B 37 -19.02 -14.13 19.40
CA SER B 37 -19.61 -14.77 20.60
C SER B 37 -19.98 -13.79 21.71
N TYR B 38 -20.14 -12.52 21.35
CA TYR B 38 -20.59 -11.50 22.29
C TYR B 38 -21.95 -10.96 21.84
N ASN B 39 -22.30 -11.22 20.58
CA ASN B 39 -23.54 -10.76 19.97
C ASN B 39 -23.68 -11.33 18.56
N PRO B 40 -23.98 -12.64 18.46
CA PRO B 40 -23.99 -13.26 17.13
C PRO B 40 -25.12 -12.73 16.24
N GLU B 41 -26.17 -12.17 16.85
CA GLU B 41 -27.23 -11.52 16.09
C GLU B 41 -26.64 -10.36 15.31
N ALA B 42 -25.78 -9.59 15.98
CA ALA B 42 -25.09 -8.46 15.36
C ALA B 42 -23.96 -8.90 14.44
N TYR B 43 -23.33 -10.03 14.77
CA TYR B 43 -22.31 -10.60 13.87
C TYR B 43 -22.92 -10.98 12.53
N MET B 44 -24.12 -11.58 12.57
CA MET B 44 -24.83 -11.97 11.37
C MET B 44 -25.16 -10.74 10.52
N GLU B 45 -25.69 -9.71 11.17
CA GLU B 45 -26.03 -8.47 10.49
C GLU B 45 -24.82 -7.82 9.84
N LEU B 46 -23.69 -7.81 10.56
CA LEU B 46 -22.44 -7.28 9.99
C LEU B 46 -22.02 -8.12 8.79
N ARG B 47 -22.17 -9.44 8.91
CA ARG B 47 -21.84 -10.36 7.84
C ARG B 47 -22.76 -10.14 6.63
N GLU B 48 -24.02 -9.81 6.89
CA GLU B 48 -24.95 -9.51 5.80
C GLU B 48 -24.60 -8.19 5.09
N PHE B 49 -24.19 -7.19 5.85
CA PHE B 49 -23.83 -5.88 5.30
C PHE B 49 -22.58 -5.95 4.40
N LEU B 50 -21.60 -6.75 4.84
CA LEU B 50 -20.34 -6.91 4.13
C LEU B 50 -20.52 -7.48 2.72
N ASP B 51 -21.50 -8.37 2.56
CA ASP B 51 -21.84 -8.96 1.26
C ASP B 51 -22.02 -7.93 0.15
N THR B 52 -22.87 -6.95 0.41
CA THR B 52 -23.25 -5.98 -0.59
C THR B 52 -22.53 -4.65 -0.42
N ASN B 53 -21.60 -4.59 0.52
CA ASN B 53 -20.89 -3.35 0.79
C ASN B 53 -19.40 -3.57 0.91
N SER B 54 -18.64 -2.78 0.16
CA SER B 54 -17.21 -3.01 0.05
C SER B 54 -16.35 -2.16 0.97
N VAL B 55 -15.52 -2.82 1.76
CA VAL B 55 -14.56 -2.12 2.64
C VAL B 55 -13.49 -1.31 1.87
N SER B 56 -13.45 -1.42 0.54
CA SER B 56 -12.34 -0.85 -0.27
C SER B 56 -12.09 0.68 -0.19
N ASP B 57 -13.06 1.51 -0.58
CA ASP B 57 -13.07 2.89 -0.08
C ASP B 57 -13.71 2.80 1.31
N GLY B 58 -12.87 2.68 2.33
CA GLY B 58 -13.33 2.47 3.68
C GLY B 58 -14.20 3.55 4.30
N ASP B 59 -13.96 4.81 3.96
CA ASP B 59 -14.80 5.86 4.54
C ASP B 59 -16.19 5.87 3.91
N LYS B 60 -16.27 5.52 2.62
CA LYS B 60 -17.56 5.42 1.94
C LYS B 60 -18.32 4.26 2.55
N PHE B 61 -17.61 3.15 2.81
CA PHE B 61 -18.21 2.00 3.49
C PHE B 61 -18.76 2.37 4.88
N LEU B 62 -18.00 3.15 5.64
CA LEU B 62 -18.44 3.54 6.98
C LEU B 62 -19.60 4.52 6.93
N ALA B 63 -19.53 5.48 6.01
CA ALA B 63 -20.61 6.45 5.84
C ALA B 63 -21.92 5.74 5.50
N THR B 64 -21.80 4.71 4.69
CA THR B 64 -22.96 3.91 4.30
C THR B 64 -23.45 3.08 5.47
N LEU B 65 -22.51 2.53 6.22
CA LEU B 65 -22.86 1.70 7.37
C LEU B 65 -23.59 2.49 8.45
N MET B 66 -23.24 3.74 8.67
CA MET B 66 -23.90 4.41 9.76
C MET B 66 -25.23 5.04 9.38
N ARG B 67 -25.53 5.04 8.09
CA ARG B 67 -26.81 5.51 7.60
C ARG B 67 -27.75 4.32 7.43
N ARG B 68 -27.24 3.11 7.64
CA ARG B 68 -28.01 1.90 7.44
C ARG B 68 -29.11 1.73 8.50
N SER B 69 -28.76 2.00 9.76
CA SER B 69 -29.74 1.98 10.85
C SER B 69 -29.04 2.59 12.05
N SER B 70 -29.80 2.88 13.10
CA SER B 70 -29.22 3.41 14.31
C SER B 70 -28.21 2.42 14.93
N ARG B 71 -28.55 1.13 14.92
CA ARG B 71 -27.62 0.15 15.48
C ARG B 71 -26.40 -0.10 14.57
N HIS B 72 -26.58 0.01 13.26
CA HIS B 72 -25.45 -0.04 12.36
C HIS B 72 -24.55 1.18 12.60
N MET B 73 -25.18 2.31 12.92
CA MET B 73 -24.45 3.53 13.22
C MET B 73 -23.57 3.32 14.44
N ASN B 74 -24.10 2.62 15.42
CA ASN B 74 -23.31 2.28 16.60
C ASN B 74 -22.17 1.31 16.25
N LEU B 75 -22.36 0.48 15.22
CA LEU B 75 -21.30 -0.41 14.77
C LEU B 75 -20.18 0.37 14.07
N ALA B 76 -20.57 1.31 13.23
CA ALA B 76 -19.63 2.23 12.61
C ALA B 76 -18.76 2.96 13.62
N LEU B 77 -19.40 3.47 14.69
CA LEU B 77 -18.70 4.24 15.72
C LEU B 77 -17.71 3.37 16.50
N ARG B 78 -18.05 2.09 16.62
CA ARG B 78 -17.15 1.10 17.22
C ARG B 78 -15.90 0.89 16.32
N ILE B 79 -16.16 0.71 15.03
CA ILE B 79 -15.09 0.51 14.07
C ILE B 79 -14.23 1.76 14.00
N LEU B 80 -14.85 2.93 14.08
CA LEU B 80 -14.07 4.17 14.09
C LEU B 80 -13.11 4.23 15.29
N GLU B 81 -13.60 3.78 16.44
CA GLU B 81 -12.81 3.78 17.67
C GLU B 81 -11.71 2.72 17.60
N VAL B 82 -12.08 1.49 17.25
CA VAL B 82 -11.13 0.40 17.08
C VAL B 82 -10.03 0.65 16.00
N ARG B 83 -10.37 1.30 14.89
CA ARG B 83 -9.35 1.55 13.87
C ARG B 83 -8.40 2.63 14.36
N SER B 84 -8.89 3.51 15.23
CA SER B 84 -8.00 4.55 15.78
C SER B 84 -7.04 3.94 16.80
N ALA B 85 -7.58 3.11 17.67
CA ALA B 85 -6.79 2.47 18.71
C ALA B 85 -5.76 1.53 18.11
N TYR B 86 -6.16 0.71 17.14
CA TYR B 86 -5.25 -0.23 16.51
C TYR B 86 -4.02 0.46 15.90
N ALA B 87 -4.27 1.50 15.11
CA ALA B 87 -3.25 2.21 14.37
C ALA B 87 -2.29 2.95 15.32
N LYS B 88 -2.85 3.60 16.33
CA LYS B 88 -2.06 4.44 17.22
C LYS B 88 -1.40 3.66 18.36
N ASN B 89 -1.86 2.43 18.59
CA ASN B 89 -1.45 1.71 19.79
C ASN B 89 -0.93 0.30 19.54
N ASP B 90 -1.53 -0.44 18.62
CA ASP B 90 -1.15 -1.84 18.45
C ASP B 90 -0.28 -2.13 17.23
N PHE B 91 -0.61 -1.51 16.10
CA PHE B 91 0.12 -1.76 14.84
C PHE B 91 1.61 -1.51 15.03
N GLU B 92 2.42 -2.51 14.67
CA GLU B 92 3.86 -2.42 14.88
C GLU B 92 4.55 -1.74 13.71
N TRP B 93 4.50 -0.41 13.72
CA TRP B 93 5.02 0.43 12.65
C TRP B 93 6.45 0.09 12.26
N ASP B 94 7.35 0.08 13.24
CA ASP B 94 8.76 -0.18 12.95
C ASP B 94 9.03 -1.59 12.47
N ASN B 95 8.28 -2.55 13.00
CA ASN B 95 8.29 -3.88 12.44
C ASN B 95 7.86 -3.90 10.95
N MET B 96 6.83 -3.14 10.62
CA MET B 96 6.37 -3.01 9.23
C MET B 96 7.51 -2.50 8.35
N LYS B 97 8.18 -1.46 8.82
CA LYS B 97 9.28 -0.84 8.09
C LYS B 97 10.38 -1.87 7.86
N ARG B 98 10.75 -2.58 8.92
CA ARG B 98 11.76 -3.62 8.86
C ARG B 98 11.45 -4.73 7.86
N LEU B 99 10.20 -5.15 7.83
CA LEU B 99 9.76 -6.18 6.90
C LEU B 99 9.80 -5.70 5.44
N ALA B 100 9.52 -4.42 5.24
CA ALA B 100 9.50 -3.84 3.90
C ALA B 100 10.92 -3.78 3.36
N PHE B 101 11.85 -3.46 4.25
CA PHE B 101 13.27 -3.42 3.89
C PHE B 101 13.71 -4.82 3.55
N LYS B 102 13.28 -5.78 4.37
CA LYS B 102 13.63 -7.16 4.09
C LYS B 102 13.05 -7.62 2.76
N ASN B 103 11.81 -7.22 2.46
CA ASN B 103 11.16 -7.60 1.19
C ASN B 103 11.94 -7.05 0.00
N VAL B 104 12.33 -5.79 0.09
CA VAL B 104 13.08 -5.13 -0.97
C VAL B 104 14.45 -5.76 -1.16
N ASP B 105 15.14 -6.01 -0.04
CA ASP B 105 16.45 -6.66 -0.06
C ASP B 105 16.37 -8.07 -0.62
N ASP B 106 15.44 -8.86 -0.12
CA ASP B 106 15.25 -10.23 -0.62
C ASP B 106 14.79 -10.27 -2.08
N SER B 107 13.96 -9.30 -2.47
CA SER B 107 13.54 -9.22 -3.88
C SER B 107 14.74 -8.98 -4.80
N ASN B 108 15.57 -8.01 -4.44
CA ASN B 108 16.80 -7.70 -5.17
CA ASN B 108 16.74 -7.71 -5.24
C ASN B 108 17.65 -8.94 -5.36
N THR B 109 17.90 -9.62 -4.23
CA THR B 109 18.69 -10.85 -4.22
C THR B 109 18.13 -11.94 -5.12
N ARG B 110 16.83 -12.19 -5.00
CA ARG B 110 16.19 -13.26 -5.73
C ARG B 110 16.15 -12.97 -7.23
N LEU B 111 15.83 -11.74 -7.60
CA LEU B 111 15.79 -11.36 -9.03
C LEU B 111 17.13 -11.59 -9.72
N MET B 112 18.21 -11.17 -9.07
CA MET B 112 19.58 -11.34 -9.58
C MET B 112 20.02 -12.82 -9.62
N ARG B 113 19.71 -13.54 -8.54
CA ARG B 113 20.08 -14.94 -8.44
CA ARG B 113 20.09 -14.95 -8.44
C ARG B 113 19.40 -15.77 -9.52
N GLU B 114 18.08 -15.62 -9.67
CA GLU B 114 17.34 -16.39 -10.67
C GLU B 114 17.73 -16.01 -12.09
N TYR B 115 18.05 -14.74 -12.28
CA TYR B 115 18.56 -14.34 -13.57
C TYR B 115 19.87 -15.06 -13.89
N VAL B 116 20.85 -14.94 -13.00
CA VAL B 116 22.15 -15.55 -13.25
C VAL B 116 22.02 -17.06 -13.48
N LEU B 117 21.23 -17.70 -12.64
CA LEU B 117 21.07 -19.14 -12.72
C LEU B 117 20.50 -19.60 -14.05
N GLU B 118 19.45 -18.94 -14.51
CA GLU B 118 18.76 -19.38 -15.72
C GLU B 118 19.48 -19.04 -17.03
N THR B 119 20.38 -18.06 -16.97
CA THR B 119 21.17 -17.73 -18.15
C THR B 119 22.55 -18.37 -18.07
N SER B 120 22.61 -19.70 -18.06
CA SER B 120 23.87 -20.43 -18.06
C SER B 120 23.66 -21.86 -18.55
#